data_5D8M
#
_entry.id   5D8M
#
_cell.length_a   59.764
_cell.length_b   95.907
_cell.length_c   135.604
_cell.angle_alpha   90.00
_cell.angle_beta   90.00
_cell.angle_gamma   90.00
#
_symmetry.space_group_name_H-M   'I 2 2 2'
#
loop_
_entity.id
_entity.type
_entity.pdbx_description
1 polymer 'Metagenomic carboxyl esterase MGS0156'
2 water water
#
_entity_poly.entity_id   1
_entity_poly.type   'polypeptide(L)'
_entity_poly.pdbx_seq_one_letter_code
;LFPGCARRPVAPLAHA(MSE)SPSVLVPAGLAGIQDGRGRFREI(MSE)TAI(MSE)ADHGAFLPGDRSSDGDGILWRLA
GEPGPTGRPVPLGVSTAGIRLVLVPGLLAECVSESSLLFDDARPDVERYGYATTLVRTGGRWGSARNAAIIHEVVAKLPE
NDTIVFVTHSKGAVDVLEALVSYPDLAARTAAVVSVAGAIDGSPLAETFSDGLLRFAES(MSE)PLSSCPPGEGTEALDS
LKRAYRLRFLAEHRLPARVRYYSLAAFASREETSAILRPFYDILAKTDALNDGLVIAADAIIPGGTLLGYPNADHLAVA
(MSE)PFSKKPSLLTSVISKNSYPRPALLEAIARYVEEDLGPEKGREN
;
_entity_poly.pdbx_strand_id   A
#
# COMPACT_ATOMS: atom_id res chain seq x y z
N ARG A 8 20.99 7.11 -17.13
CA ARG A 8 21.12 6.01 -18.07
C ARG A 8 20.78 6.45 -19.50
N PRO A 9 21.47 5.89 -20.50
CA PRO A 9 21.11 6.21 -21.90
C PRO A 9 19.73 5.63 -22.19
N VAL A 10 18.97 6.23 -23.10
CA VAL A 10 17.56 5.88 -23.20
C VAL A 10 17.28 4.54 -23.93
N ALA A 11 18.15 4.17 -24.87
CA ALA A 11 17.95 2.97 -25.70
C ALA A 11 17.59 1.68 -24.94
N PRO A 12 18.34 1.34 -23.86
CA PRO A 12 17.94 0.13 -23.13
C PRO A 12 16.61 0.27 -22.40
N LEU A 13 16.33 1.46 -21.88
CA LEU A 13 15.04 1.70 -21.24
C LEU A 13 13.91 1.60 -22.26
N ALA A 14 14.13 2.13 -23.47
CA ALA A 14 13.11 2.07 -24.51
C ALA A 14 12.78 0.63 -24.86
N HIS A 15 13.81 -0.17 -25.08
CA HIS A 15 13.67 -1.56 -25.49
C HIS A 15 12.90 -2.38 -24.44
N ALA A 16 13.07 -2.04 -23.17
CA ALA A 16 12.42 -2.79 -22.11
C ALA A 16 11.01 -2.33 -21.84
N MSE A 17 10.65 -1.14 -22.32
CA MSE A 17 9.37 -0.54 -21.97
C MSE A 17 8.24 -1.05 -22.84
O MSE A 17 8.35 -1.10 -24.05
CB MSE A 17 9.46 0.98 -22.07
CG MSE A 17 8.19 1.69 -21.67
SE MSE A 17 7.69 1.42 -19.79
CE MSE A 17 9.18 2.23 -18.95
N SER A 18 7.14 -1.43 -22.19
CA SER A 18 5.90 -1.75 -22.87
C SER A 18 5.07 -0.46 -23.05
N PRO A 19 4.42 -0.30 -24.22
CA PRO A 19 3.52 0.85 -24.43
C PRO A 19 2.55 1.03 -23.29
N SER A 20 2.49 2.24 -22.77
CA SER A 20 1.59 2.54 -21.68
C SER A 20 0.98 3.91 -21.92
N VAL A 21 -0.12 4.16 -21.23
CA VAL A 21 -0.87 5.38 -21.41
CA VAL A 21 -0.92 5.36 -21.41
C VAL A 21 -1.44 5.83 -20.06
N LEU A 22 -1.39 7.14 -19.81
CA LEU A 22 -2.03 7.76 -18.65
C LEU A 22 -3.48 8.07 -19.03
N VAL A 23 -4.45 7.51 -18.30
CA VAL A 23 -5.87 7.75 -18.63
C VAL A 23 -6.71 8.08 -17.41
N PRO A 24 -7.83 8.78 -17.61
CA PRO A 24 -8.82 8.92 -16.53
C PRO A 24 -9.18 7.53 -15.98
N ALA A 25 -9.39 7.42 -14.67
CA ALA A 25 -9.55 6.10 -14.05
C ALA A 25 -10.66 5.29 -14.71
N GLY A 26 -11.75 5.96 -15.06
CA GLY A 26 -12.90 5.33 -15.68
C GLY A 26 -12.53 4.52 -16.90
N LEU A 27 -11.53 5.00 -17.65
CA LEU A 27 -11.13 4.36 -18.90
C LEU A 27 -10.26 3.13 -18.68
N ALA A 28 -9.81 2.90 -17.45
CA ALA A 28 -9.10 1.66 -17.15
C ALA A 28 -9.92 0.73 -16.28
N GLY A 29 -11.25 0.86 -16.37
CA GLY A 29 -12.15 -0.02 -15.66
C GLY A 29 -12.20 0.14 -14.16
N ILE A 30 -11.87 1.32 -13.67
CA ILE A 30 -11.83 1.52 -12.22
C ILE A 30 -13.18 1.95 -11.69
N GLN A 31 -13.66 1.27 -10.65
CA GLN A 31 -14.88 1.69 -9.97
C GLN A 31 -14.55 2.78 -8.96
N ASP A 32 -15.35 3.84 -8.96
CA ASP A 32 -15.10 4.97 -8.07
C ASP A 32 -15.79 4.78 -6.71
N GLY A 33 -15.06 4.36 -5.68
CA GLY A 33 -15.68 4.18 -4.38
C GLY A 33 -15.30 5.23 -3.37
N ARG A 34 -14.77 6.35 -3.85
CA ARG A 34 -14.23 7.40 -3.01
C ARG A 34 -15.24 8.00 -2.04
N GLY A 35 -16.48 8.15 -2.51
CA GLY A 35 -17.54 8.74 -1.73
C GLY A 35 -17.96 7.86 -0.56
N ARG A 36 -18.18 6.59 -0.81
CA ARG A 36 -18.61 5.70 0.26
C ARG A 36 -17.45 5.48 1.25
N PHE A 37 -16.23 5.38 0.75
CA PHE A 37 -15.12 5.19 1.66
C PHE A 37 -14.94 6.41 2.60
N ARG A 38 -15.04 7.63 2.05
CA ARG A 38 -14.98 8.84 2.90
C ARG A 38 -16.07 8.82 3.98
N GLU A 39 -17.26 8.44 3.57
CA GLU A 39 -18.39 8.34 4.45
C GLU A 39 -18.14 7.37 5.62
N ILE A 40 -17.64 6.19 5.30
CA ILE A 40 -17.31 5.18 6.29
C ILE A 40 -16.21 5.67 7.24
N MSE A 41 -15.13 6.19 6.67
CA MSE A 41 -13.99 6.57 7.52
C MSE A 41 -14.38 7.74 8.42
O MSE A 41 -14.06 7.79 9.61
CB MSE A 41 -12.76 6.91 6.68
CG MSE A 41 -11.48 7.06 7.49
SE MSE A 41 -9.89 7.19 6.37
CE MSE A 41 -8.62 7.66 7.81
N THR A 42 -15.13 8.68 7.86
CA THR A 42 -15.60 9.84 8.59
C THR A 42 -16.50 9.47 9.79
N ALA A 43 -17.44 8.55 9.58
CA ALA A 43 -18.34 8.06 10.62
C ALA A 43 -17.58 7.30 11.71
N ILE A 44 -16.57 6.51 11.29
CA ILE A 44 -15.74 5.77 12.24
C ILE A 44 -15.08 6.73 13.22
N MSE A 45 -14.51 7.81 12.68
CA MSE A 45 -13.81 8.75 13.52
C MSE A 45 -14.75 9.58 14.36
O MSE A 45 -14.41 9.96 15.47
CB MSE A 45 -12.92 9.65 12.66
CG MSE A 45 -11.88 8.82 11.93
SE MSE A 45 -10.78 9.83 10.70
CE MSE A 45 -9.61 10.71 11.99
N ALA A 46 -15.95 9.86 13.85
CA ALA A 46 -16.92 10.59 14.66
C ALA A 46 -17.39 9.68 15.80
N ASP A 47 -17.46 8.39 15.53
CA ASP A 47 -18.01 7.43 16.50
C ASP A 47 -17.02 7.03 17.61
N HIS A 48 -15.77 6.75 17.27
CA HIS A 48 -14.82 6.31 18.29
C HIS A 48 -13.38 6.68 17.94
N GLY A 49 -13.21 7.80 17.26
CA GLY A 49 -11.87 8.24 16.87
C GLY A 49 -11.02 8.83 17.99
N ALA A 50 -11.66 9.30 19.05
CA ALA A 50 -10.98 10.17 20.03
C ALA A 50 -9.71 9.57 20.64
N PHE A 51 -9.70 8.28 20.93
CA PHE A 51 -8.50 7.71 21.52
C PHE A 51 -7.73 6.83 20.56
N LEU A 52 -8.00 6.95 19.27
CA LEU A 52 -7.23 6.21 18.29
C LEU A 52 -5.98 7.00 17.97
N PRO A 53 -4.83 6.31 17.88
CA PRO A 53 -3.58 6.94 17.48
C PRO A 53 -3.75 7.69 16.16
N GLY A 54 -3.17 8.89 16.08
CA GLY A 54 -3.18 9.69 14.87
C GLY A 54 -4.48 10.42 14.58
N ASP A 55 -5.45 10.39 15.51
CA ASP A 55 -6.72 11.11 15.32
C ASP A 55 -6.48 12.56 14.89
N ARG A 56 -7.31 13.03 13.96
CA ARG A 56 -7.24 14.39 13.42
C ARG A 56 -8.62 14.73 12.88
N SER A 57 -8.82 15.98 12.47
CA SER A 57 -10.11 16.35 11.89
C SER A 57 -10.29 15.66 10.56
N SER A 58 -11.51 15.20 10.28
CA SER A 58 -11.81 14.58 8.98
C SER A 58 -12.33 15.59 7.95
N ASP A 59 -12.56 16.83 8.39
CA ASP A 59 -13.08 17.88 7.51
C ASP A 59 -12.15 18.21 6.35
N GLY A 60 -12.76 18.56 5.21
CA GLY A 60 -12.01 18.97 4.03
C GLY A 60 -11.09 17.87 3.51
N ASP A 61 -9.81 18.19 3.40
CA ASP A 61 -8.81 17.27 2.89
C ASP A 61 -8.04 16.62 4.05
N GLY A 62 -8.45 16.90 5.28
CA GLY A 62 -7.78 16.41 6.49
C GLY A 62 -7.37 14.93 6.51
N ILE A 63 -8.29 14.04 6.18
CA ILE A 63 -7.92 12.63 6.10
C ILE A 63 -7.80 12.12 4.66
N LEU A 64 -8.66 12.61 3.78
CA LEU A 64 -8.72 12.15 2.40
C LEU A 64 -8.89 13.30 1.46
N TRP A 65 -7.95 13.45 0.52
CA TRP A 65 -8.01 14.55 -0.44
C TRP A 65 -9.29 14.49 -1.25
N ARG A 66 -9.83 15.66 -1.54
CA ARG A 66 -11.00 15.77 -2.39
C ARG A 66 -10.59 16.06 -3.83
N LEU A 67 -10.31 15.01 -4.60
CA LEU A 67 -10.05 15.16 -6.02
C LEU A 67 -11.36 15.38 -6.73
N ALA A 68 -11.30 15.81 -7.99
CA ALA A 68 -12.50 16.15 -8.75
C ALA A 68 -13.37 14.92 -9.01
N GLY A 69 -14.66 15.15 -9.22
CA GLY A 69 -15.58 14.09 -9.58
C GLY A 69 -15.99 13.16 -8.45
N GLU A 70 -15.62 13.47 -7.22
CA GLU A 70 -15.91 12.53 -6.13
C GLU A 70 -17.43 12.37 -5.93
N PRO A 71 -17.91 11.11 -5.94
CA PRO A 71 -19.33 10.81 -5.67
C PRO A 71 -19.75 11.32 -4.30
N GLY A 72 -21.01 11.71 -4.15
CA GLY A 72 -21.51 12.13 -2.86
C GLY A 72 -21.63 10.95 -1.90
N PRO A 73 -21.90 11.22 -0.63
CA PRO A 73 -22.18 10.14 0.33
C PRO A 73 -23.53 9.46 0.00
N THR A 74 -23.65 8.16 0.26
CA THR A 74 -24.86 7.42 -0.10
C THR A 74 -25.97 7.63 0.90
N GLY A 75 -25.60 8.03 2.12
CA GLY A 75 -26.57 8.17 3.20
C GLY A 75 -26.88 6.86 3.91
N ARG A 76 -26.42 5.74 3.35
CA ARG A 76 -26.71 4.45 3.95
C ARG A 76 -25.90 4.32 5.25
N PRO A 77 -26.48 3.68 6.27
CA PRO A 77 -25.83 3.61 7.59
C PRO A 77 -24.46 2.97 7.54
N VAL A 78 -23.53 3.53 8.30
CA VAL A 78 -22.20 2.94 8.41
C VAL A 78 -22.19 1.97 9.60
N PRO A 79 -21.89 0.69 9.34
CA PRO A 79 -21.75 -0.32 10.39
C PRO A 79 -20.70 0.13 11.41
N LEU A 80 -21.03 0.14 12.69
CA LEU A 80 -20.07 0.62 13.69
C LEU A 80 -19.95 -0.35 14.85
N GLY A 81 -20.49 -1.54 14.67
CA GLY A 81 -20.40 -2.58 15.68
C GLY A 81 -19.32 -3.58 15.34
N VAL A 82 -19.31 -4.70 16.03
CA VAL A 82 -18.32 -5.73 15.87
C VAL A 82 -18.70 -6.64 14.71
N SER A 83 -17.76 -6.81 13.79
CA SER A 83 -18.00 -7.70 12.65
C SER A 83 -18.03 -9.15 13.10
N THR A 84 -18.94 -9.92 12.51
CA THR A 84 -18.95 -11.35 12.72
C THR A 84 -18.73 -12.09 11.38
N ALA A 85 -18.19 -11.39 10.39
CA ALA A 85 -17.96 -11.98 9.06
C ALA A 85 -16.80 -13.00 8.98
N GLY A 86 -15.98 -13.09 10.01
CA GLY A 86 -14.83 -13.98 9.95
C GLY A 86 -13.75 -13.53 8.95
N ILE A 87 -13.64 -12.22 8.76
CA ILE A 87 -12.63 -11.68 7.84
C ILE A 87 -11.28 -11.59 8.57
N ARG A 88 -10.22 -11.98 7.87
CA ARG A 88 -8.87 -11.80 8.36
C ARG A 88 -8.10 -10.91 7.39
N LEU A 89 -7.55 -9.83 7.93
CA LEU A 89 -6.68 -8.93 7.20
C LEU A 89 -5.26 -9.50 7.23
N VAL A 90 -4.76 -9.86 6.07
CA VAL A 90 -3.39 -10.31 5.92
C VAL A 90 -2.55 -9.13 5.44
N LEU A 91 -1.71 -8.65 6.34
CA LEU A 91 -0.90 -7.46 6.15
C LEU A 91 0.44 -7.81 5.52
N VAL A 92 0.75 -7.20 4.38
CA VAL A 92 1.99 -7.48 3.70
C VAL A 92 2.74 -6.18 3.46
N PRO A 93 3.93 -6.04 4.08
CA PRO A 93 4.70 -4.79 3.97
C PRO A 93 5.56 -4.73 2.73
N GLY A 94 6.31 -3.63 2.60
CA GLY A 94 7.09 -3.39 1.41
C GLY A 94 8.60 -3.39 1.54
N LEU A 95 9.25 -2.65 0.64
CA LEU A 95 10.70 -2.61 0.55
C LEU A 95 11.31 -2.09 1.85
N LEU A 96 12.31 -2.82 2.35
CA LEU A 96 13.07 -2.43 3.55
C LEU A 96 12.28 -2.52 4.86
N ALA A 97 11.01 -2.93 4.81
CA ALA A 97 10.22 -2.97 6.04
C ALA A 97 10.84 -3.95 7.04
N GLU A 98 11.31 -5.06 6.49
CA GLU A 98 11.93 -6.09 7.31
C GLU A 98 13.14 -5.54 8.05
N CYS A 99 13.88 -4.65 7.37
CA CYS A 99 15.10 -4.09 7.94
C CYS A 99 14.85 -3.12 9.11
N VAL A 100 13.65 -2.54 9.18
CA VAL A 100 13.37 -1.60 10.27
C VAL A 100 12.34 -2.20 11.24
N SER A 101 12.24 -3.52 11.27
CA SER A 101 11.23 -4.17 12.12
C SER A 101 11.34 -3.83 13.60
N GLU A 102 12.53 -3.47 14.08
CA GLU A 102 12.69 -3.07 15.48
C GLU A 102 12.00 -1.74 15.80
N SER A 103 11.83 -0.91 14.77
CA SER A 103 11.26 0.42 14.92
C SER A 103 9.83 0.48 14.42
N SER A 104 9.47 -0.39 13.46
CA SER A 104 8.17 -0.26 12.81
C SER A 104 7.66 -1.56 12.22
N LEU A 105 6.42 -1.89 12.51
CA LEU A 105 5.72 -3.01 11.89
C LEU A 105 4.45 -2.48 11.24
N LEU A 106 4.13 -3.02 10.06
CA LEU A 106 3.02 -2.53 9.25
C LEU A 106 1.71 -2.41 10.05
N PHE A 107 1.10 -1.23 10.04
CA PHE A 107 -0.17 -0.97 10.70
C PHE A 107 -0.20 -1.39 12.17
N ASP A 108 0.95 -1.34 12.83
CA ASP A 108 1.03 -1.94 14.16
C ASP A 108 0.08 -1.27 15.15
N ASP A 109 -0.02 0.06 15.08
CA ASP A 109 -0.87 0.80 16.00
C ASP A 109 -2.36 0.75 15.60
N ALA A 110 -2.66 0.15 14.45
CA ALA A 110 -4.05 0.01 13.98
C ALA A 110 -4.70 -1.34 14.32
N ARG A 111 -3.89 -2.35 14.61
CA ARG A 111 -4.41 -3.70 14.80
C ARG A 111 -5.28 -3.89 16.06
N PRO A 112 -4.97 -3.22 17.20
CA PRO A 112 -5.93 -3.33 18.30
C PRO A 112 -7.35 -2.85 17.93
N ASP A 113 -7.45 -1.75 17.17
CA ASP A 113 -8.77 -1.22 16.87
C ASP A 113 -9.54 -2.16 15.95
N VAL A 114 -8.90 -2.72 14.95
CA VAL A 114 -9.72 -3.50 14.02
C VAL A 114 -10.08 -4.84 14.69
N GLU A 115 -9.23 -5.32 15.58
CA GLU A 115 -9.53 -6.57 16.29
C GLU A 115 -10.65 -6.39 17.32
N ARG A 116 -10.71 -5.21 17.92
CA ARG A 116 -11.86 -4.88 18.75
C ARG A 116 -13.16 -5.07 17.96
N TYR A 117 -13.13 -4.71 16.69
CA TYR A 117 -14.35 -4.73 15.89
C TYR A 117 -14.51 -5.93 14.99
N GLY A 118 -13.84 -7.03 15.34
CA GLY A 118 -14.14 -8.34 14.78
C GLY A 118 -13.30 -8.75 13.58
N TYR A 119 -12.27 -7.98 13.27
CA TYR A 119 -11.40 -8.31 12.16
C TYR A 119 -10.09 -8.89 12.69
N ALA A 120 -9.83 -10.15 12.39
CA ALA A 120 -8.54 -10.77 12.74
C ALA A 120 -7.43 -10.20 11.86
N THR A 121 -6.19 -10.20 12.36
CA THR A 121 -5.07 -9.72 11.56
C THR A 121 -3.89 -10.66 11.65
N THR A 122 -3.21 -10.83 10.54
CA THR A 122 -1.95 -11.56 10.48
C THR A 122 -0.94 -10.69 9.75
N LEU A 123 0.25 -10.53 10.32
CA LEU A 123 1.33 -9.82 9.66
C LEU A 123 2.28 -10.81 8.96
N VAL A 124 2.49 -10.62 7.67
CA VAL A 124 3.43 -11.44 6.94
C VAL A 124 4.83 -10.80 6.96
N ARG A 125 5.85 -11.58 7.32
CA ARG A 125 7.22 -11.09 7.19
C ARG A 125 7.72 -11.46 5.80
N THR A 126 8.00 -10.45 5.00
CA THR A 126 8.61 -10.63 3.68
C THR A 126 10.09 -10.25 3.74
N GLY A 127 10.85 -10.59 2.71
CA GLY A 127 12.23 -10.15 2.61
C GLY A 127 12.23 -8.68 2.25
N GLY A 128 12.79 -7.86 3.13
CA GLY A 128 12.90 -6.44 2.87
C GLY A 128 13.79 -6.13 1.67
N ARG A 129 14.73 -7.02 1.37
CA ARG A 129 15.64 -6.83 0.25
C ARG A 129 15.52 -7.92 -0.84
N TRP A 130 14.38 -8.59 -0.89
CA TRP A 130 14.18 -9.70 -1.82
C TRP A 130 13.20 -9.35 -2.94
N GLY A 131 13.28 -10.07 -4.07
CA GLY A 131 12.42 -9.79 -5.21
C GLY A 131 11.00 -10.28 -4.98
N SER A 132 10.08 -9.86 -5.84
CA SER A 132 8.68 -10.21 -5.69
C SER A 132 8.40 -11.73 -5.82
N ALA A 133 9.12 -12.44 -6.69
CA ALA A 133 8.89 -13.88 -6.81
C ALA A 133 9.21 -14.62 -5.53
N ARG A 134 10.33 -14.28 -4.92
CA ARG A 134 10.73 -14.91 -3.68
C ARG A 134 9.71 -14.59 -2.55
N ASN A 135 9.24 -13.35 -2.49
CA ASN A 135 8.27 -12.97 -1.46
C ASN A 135 6.88 -13.55 -1.71
N ALA A 136 6.52 -13.68 -2.98
CA ALA A 136 5.27 -14.32 -3.36
C ALA A 136 5.19 -15.75 -2.83
N ALA A 137 6.31 -16.47 -2.84
CA ALA A 137 6.30 -17.83 -2.31
C ALA A 137 6.11 -17.84 -0.79
N ILE A 138 6.70 -16.86 -0.12
CA ILE A 138 6.51 -16.71 1.32
C ILE A 138 5.04 -16.51 1.66
N ILE A 139 4.40 -15.61 0.90
CA ILE A 139 3.00 -15.27 1.11
C ILE A 139 2.12 -16.50 0.87
N HIS A 140 2.38 -17.18 -0.23
CA HIS A 140 1.73 -18.44 -0.54
C HIS A 140 1.78 -19.44 0.63
N GLU A 141 2.94 -19.59 1.25
CA GLU A 141 3.07 -20.57 2.33
C GLU A 141 2.34 -20.12 3.62
N VAL A 142 2.36 -18.83 3.88
CA VAL A 142 1.69 -18.29 5.07
C VAL A 142 0.17 -18.50 4.97
N VAL A 143 -0.42 -18.05 3.88
CA VAL A 143 -1.86 -18.12 3.72
C VAL A 143 -2.37 -19.55 3.74
N ALA A 144 -1.57 -20.47 3.18
CA ALA A 144 -1.89 -21.90 3.21
C ALA A 144 -2.10 -22.44 4.62
N LYS A 145 -1.55 -21.76 5.62
CA LYS A 145 -1.63 -22.22 7.00
C LYS A 145 -2.69 -21.51 7.83
N LEU A 146 -3.35 -20.52 7.23
CA LEU A 146 -4.39 -19.76 7.91
C LEU A 146 -5.66 -20.62 7.96
N PRO A 147 -6.53 -20.39 8.96
CA PRO A 147 -7.76 -21.18 9.09
C PRO A 147 -8.62 -21.13 7.82
N GLU A 148 -9.13 -22.29 7.40
CA GLU A 148 -9.86 -22.43 6.14
C GLU A 148 -11.13 -21.60 6.05
N ASN A 149 -11.80 -21.37 7.17
CA ASN A 149 -13.07 -20.65 7.18
C ASN A 149 -12.94 -19.13 7.18
N ASP A 150 -11.72 -18.63 7.33
CA ASP A 150 -11.49 -17.19 7.33
C ASP A 150 -11.67 -16.62 5.94
N THR A 151 -12.25 -15.44 5.86
CA THR A 151 -12.26 -14.74 4.59
C THR A 151 -11.01 -13.86 4.47
N ILE A 152 -10.16 -14.19 3.50
CA ILE A 152 -8.84 -13.58 3.38
C ILE A 152 -8.88 -12.26 2.62
N VAL A 153 -8.50 -11.17 3.30
CA VAL A 153 -8.40 -9.87 2.68
C VAL A 153 -6.98 -9.34 2.87
N PHE A 154 -6.20 -9.31 1.79
CA PHE A 154 -4.86 -8.74 1.87
C PHE A 154 -4.96 -7.22 2.02
N VAL A 155 -4.14 -6.68 2.93
CA VAL A 155 -3.94 -5.25 3.03
C VAL A 155 -2.45 -5.02 2.92
N THR A 156 -2.03 -4.38 1.84
CA THR A 156 -0.65 -4.39 1.43
C THR A 156 -0.13 -2.98 1.37
N HIS A 157 1.19 -2.80 1.51
CA HIS A 157 1.80 -1.49 1.44
C HIS A 157 3.01 -1.54 0.48
N SER A 158 3.10 -0.53 -0.38
CA SER A 158 4.21 -0.33 -1.32
CA SER A 158 4.28 -0.37 -1.22
C SER A 158 4.56 -1.61 -2.08
N LYS A 159 5.78 -2.13 -1.97
CA LYS A 159 6.15 -3.32 -2.74
C LYS A 159 5.31 -4.56 -2.35
N GLY A 160 4.75 -4.55 -1.14
CA GLY A 160 3.92 -5.67 -0.69
C GLY A 160 2.75 -5.94 -1.60
N ALA A 161 2.22 -4.87 -2.20
CA ALA A 161 1.10 -4.99 -3.10
C ALA A 161 1.45 -5.83 -4.31
N VAL A 162 2.64 -5.67 -4.85
CA VAL A 162 2.97 -6.40 -6.06
C VAL A 162 3.59 -7.74 -5.72
N ASP A 163 4.17 -7.88 -4.52
CA ASP A 163 4.49 -9.21 -3.99
C ASP A 163 3.19 -10.06 -4.01
N VAL A 164 2.07 -9.50 -3.55
CA VAL A 164 0.81 -10.25 -3.50
C VAL A 164 0.22 -10.49 -4.89
N LEU A 165 0.23 -9.48 -5.77
CA LEU A 165 -0.28 -9.69 -7.13
C LEU A 165 0.51 -10.77 -7.87
N GLU A 166 1.82 -10.77 -7.71
CA GLU A 166 2.62 -11.82 -8.36
C GLU A 166 2.26 -13.18 -7.78
N ALA A 167 2.00 -13.24 -6.48
CA ALA A 167 1.57 -14.49 -5.85
C ALA A 167 0.23 -14.97 -6.44
N LEU A 168 -0.72 -14.06 -6.57
CA LEU A 168 -2.07 -14.44 -7.08
C LEU A 168 -1.98 -14.96 -8.51
N VAL A 169 -1.08 -14.37 -9.29
CA VAL A 169 -0.86 -14.82 -10.64
C VAL A 169 -0.12 -16.14 -10.70
N SER A 170 0.81 -16.37 -9.77
CA SER A 170 1.62 -17.59 -9.78
C SER A 170 0.93 -18.80 -9.17
N TYR A 171 0.07 -18.58 -8.18
CA TYR A 171 -0.52 -19.70 -7.44
C TYR A 171 -2.03 -19.66 -7.51
N PRO A 172 -2.62 -20.40 -8.47
CA PRO A 172 -4.09 -20.47 -8.56
C PRO A 172 -4.76 -20.89 -7.25
N ASP A 173 -4.11 -21.71 -6.44
CA ASP A 173 -4.72 -22.11 -5.19
C ASP A 173 -4.80 -20.92 -4.21
N LEU A 174 -3.81 -20.03 -4.24
CA LEU A 174 -3.90 -18.82 -3.42
C LEU A 174 -5.02 -17.91 -3.96
N ALA A 175 -5.12 -17.78 -5.27
CA ALA A 175 -6.17 -16.96 -5.87
C ALA A 175 -7.55 -17.45 -5.43
N ALA A 176 -7.74 -18.76 -5.51
CA ALA A 176 -9.04 -19.36 -5.13
C ALA A 176 -9.34 -19.15 -3.64
N ARG A 177 -8.30 -18.96 -2.86
CA ARG A 177 -8.42 -18.79 -1.41
C ARG A 177 -8.70 -17.32 -1.01
N THR A 178 -8.42 -16.39 -1.92
CA THR A 178 -8.36 -14.97 -1.58
C THR A 178 -9.64 -14.24 -1.98
N ALA A 179 -10.25 -13.49 -1.05
CA ALA A 179 -11.43 -12.69 -1.41
C ALA A 179 -11.08 -11.32 -1.98
N ALA A 180 -10.04 -10.69 -1.46
CA ALA A 180 -9.78 -9.30 -1.81
C ALA A 180 -8.34 -8.91 -1.60
N VAL A 181 -7.86 -7.96 -2.42
CA VAL A 181 -6.58 -7.30 -2.19
C VAL A 181 -6.78 -5.81 -2.11
N VAL A 182 -6.31 -5.22 -1.01
CA VAL A 182 -6.32 -3.79 -0.86
C VAL A 182 -4.89 -3.28 -0.92
N SER A 183 -4.66 -2.36 -1.85
CA SER A 183 -3.38 -1.72 -2.01
C SER A 183 -3.37 -0.36 -1.27
N VAL A 184 -2.41 -0.17 -0.37
CA VAL A 184 -2.20 1.09 0.32
C VAL A 184 -0.84 1.67 -0.07
N ALA A 185 -0.84 2.75 -0.85
CA ALA A 185 0.37 3.27 -1.45
C ALA A 185 1.17 2.13 -2.11
N GLY A 186 0.47 1.24 -2.80
CA GLY A 186 1.12 0.13 -3.45
C GLY A 186 1.84 0.57 -4.71
N ALA A 187 3.00 -0.02 -4.95
CA ALA A 187 3.83 0.35 -6.09
C ALA A 187 3.38 -0.40 -7.33
N ILE A 188 2.13 -0.22 -7.72
CA ILE A 188 1.54 -1.05 -8.78
C ILE A 188 2.32 -0.94 -10.10
N ASP A 189 2.63 0.30 -10.51
CA ASP A 189 3.45 0.52 -11.70
C ASP A 189 4.93 0.74 -11.37
N GLY A 190 5.35 0.36 -10.17
CA GLY A 190 6.72 0.59 -9.77
C GLY A 190 6.94 2.06 -9.43
N SER A 191 8.18 2.53 -9.57
CA SER A 191 8.50 3.95 -9.34
C SER A 191 9.70 4.31 -10.20
N PRO A 192 9.68 5.52 -10.79
CA PRO A 192 10.88 5.88 -11.55
C PRO A 192 12.13 5.99 -10.67
N LEU A 193 11.95 6.13 -9.37
CA LEU A 193 13.10 6.21 -8.47
C LEU A 193 13.90 4.91 -8.47
N ALA A 194 13.26 3.78 -8.77
CA ALA A 194 14.00 2.52 -8.82
C ALA A 194 15.08 2.55 -9.91
N GLU A 195 14.90 3.39 -10.91
CA GLU A 195 15.91 3.49 -11.96
C GLU A 195 16.86 4.65 -11.74
N THR A 196 16.51 5.57 -10.85
CA THR A 196 17.27 6.82 -10.69
C THR A 196 18.71 6.63 -10.20
N PHE A 197 18.93 5.65 -9.32
CA PHE A 197 20.24 5.53 -8.69
C PHE A 197 21.10 4.40 -9.27
N SER A 198 22.42 4.54 -9.16
CA SER A 198 23.35 3.63 -9.83
C SER A 198 23.23 2.19 -9.33
N ASP A 199 23.50 1.24 -10.24
CA ASP A 199 23.50 -0.19 -9.92
C ASP A 199 24.45 -0.50 -8.78
N GLY A 200 25.62 0.14 -8.79
CA GLY A 200 26.61 -0.04 -7.73
C GLY A 200 26.02 0.26 -6.36
N LEU A 201 25.36 1.41 -6.26
CA LEU A 201 24.71 1.82 -5.03
C LEU A 201 23.60 0.85 -4.63
N LEU A 202 22.78 0.45 -5.60
CA LEU A 202 21.73 -0.52 -5.33
C LEU A 202 22.31 -1.88 -4.92
N ARG A 203 23.39 -2.30 -5.58
CA ARG A 203 24.01 -3.59 -5.27
C ARG A 203 24.61 -3.65 -3.87
N PHE A 204 25.25 -2.55 -3.47
CA PHE A 204 25.80 -2.46 -2.12
C PHE A 204 24.69 -2.48 -1.07
N ALA A 205 23.60 -1.78 -1.33
CA ALA A 205 22.47 -1.74 -0.41
C ALA A 205 21.85 -3.13 -0.27
N GLU A 206 21.81 -3.85 -1.38
CA GLU A 206 21.23 -5.19 -1.39
C GLU A 206 22.02 -6.16 -0.53
N SER A 207 23.35 -6.03 -0.54
CA SER A 207 24.22 -7.07 -0.01
C SER A 207 24.87 -6.75 1.34
N MSE A 208 24.70 -5.53 1.84
CA MSE A 208 25.39 -5.20 3.08
C MSE A 208 24.73 -5.92 4.27
O MSE A 208 23.50 -6.04 4.33
CB MSE A 208 25.40 -3.69 3.31
CG MSE A 208 24.04 -3.04 3.42
SE MSE A 208 24.19 -1.22 4.06
CE MSE A 208 25.18 -1.63 5.70
N PRO A 209 25.55 -6.40 5.21
CA PRO A 209 25.09 -7.15 6.37
C PRO A 209 24.25 -6.30 7.31
N LEU A 210 23.04 -6.76 7.60
CA LEU A 210 22.13 -6.10 8.53
C LEU A 210 21.54 -7.16 9.44
N SER A 211 21.43 -6.85 10.73
CA SER A 211 21.01 -7.85 11.69
C SER A 211 19.49 -8.10 11.67
N SER A 212 18.76 -7.30 10.89
CA SER A 212 17.30 -7.44 10.86
C SER A 212 16.73 -7.89 9.51
N CYS A 213 17.56 -7.98 8.48
CA CYS A 213 17.06 -8.47 7.18
C CYS A 213 18.18 -9.11 6.39
N PRO A 214 17.91 -10.26 5.78
CA PRO A 214 18.93 -10.97 5.00
C PRO A 214 19.20 -10.18 3.71
N PRO A 215 20.40 -10.33 3.12
CA PRO A 215 20.71 -9.68 1.85
C PRO A 215 19.95 -10.26 0.66
N GLY A 216 19.79 -9.45 -0.38
CA GLY A 216 19.28 -9.93 -1.65
C GLY A 216 20.41 -10.29 -2.59
N GLU A 217 20.06 -10.84 -3.74
CA GLU A 217 20.99 -11.10 -4.83
C GLU A 217 20.87 -9.99 -5.88
N GLY A 218 22.01 -9.57 -6.43
CA GLY A 218 22.03 -8.54 -7.45
C GLY A 218 21.25 -7.32 -7.02
N THR A 219 20.23 -6.97 -7.80
CA THR A 219 19.31 -5.91 -7.43
C THR A 219 17.87 -6.41 -7.50
N GLU A 220 17.64 -7.64 -7.03
CA GLU A 220 16.33 -8.31 -7.18
C GLU A 220 15.14 -7.49 -6.65
N ALA A 221 15.31 -6.88 -5.50
CA ALA A 221 14.22 -6.10 -4.88
C ALA A 221 13.85 -4.86 -5.74
N LEU A 222 14.87 -4.13 -6.18
CA LEU A 222 14.64 -2.95 -7.03
C LEU A 222 14.19 -3.32 -8.43
N ASP A 223 14.68 -4.44 -8.97
CA ASP A 223 14.18 -4.91 -10.27
C ASP A 223 12.67 -5.06 -10.28
N SER A 224 12.13 -5.45 -9.14
CA SER A 224 10.71 -5.68 -9.01
C SER A 224 9.93 -4.38 -9.01
N LEU A 225 10.62 -3.27 -8.77
CA LEU A 225 9.99 -1.95 -8.68
C LEU A 225 10.22 -1.08 -9.91
N LYS A 226 10.93 -1.59 -10.92
CA LYS A 226 11.16 -0.80 -12.12
C LYS A 226 9.88 -0.70 -12.93
N ARG A 227 9.59 0.51 -13.40
CA ARG A 227 8.38 0.77 -14.13
C ARG A 227 8.22 -0.18 -15.34
N ALA A 228 9.28 -0.35 -16.13
CA ALA A 228 9.26 -1.25 -17.27
C ALA A 228 8.84 -2.67 -16.86
N TYR A 229 9.42 -3.15 -15.78
CA TYR A 229 9.09 -4.49 -15.29
C TYR A 229 7.64 -4.61 -14.84
N ARG A 230 7.20 -3.66 -14.03
CA ARG A 230 5.86 -3.66 -13.47
C ARG A 230 4.76 -3.47 -14.54
N LEU A 231 5.00 -2.61 -15.52
CA LEU A 231 4.04 -2.40 -16.62
C LEU A 231 3.94 -3.65 -17.50
N ARG A 232 5.09 -4.28 -17.75
CA ARG A 232 5.14 -5.52 -18.51
C ARG A 232 4.36 -6.66 -17.80
N PHE A 233 4.48 -6.74 -16.48
CA PHE A 233 3.72 -7.71 -15.71
C PHE A 233 2.23 -7.54 -15.95
N LEU A 234 1.77 -6.28 -15.90
CA LEU A 234 0.34 -6.00 -16.03
C LEU A 234 -0.12 -6.16 -17.47
N ALA A 235 0.77 -5.93 -18.43
CA ALA A 235 0.44 -6.16 -19.84
C ALA A 235 0.33 -7.65 -20.15
N GLU A 236 1.06 -8.48 -19.41
CA GLU A 236 1.23 -9.90 -19.78
C GLU A 236 0.38 -10.86 -18.95
N HIS A 237 -0.09 -10.44 -17.78
CA HIS A 237 -0.87 -11.32 -16.92
C HIS A 237 -2.16 -10.68 -16.46
N ARG A 238 -3.28 -11.30 -16.80
CA ARG A 238 -4.55 -10.93 -16.21
C ARG A 238 -4.51 -11.15 -14.70
N LEU A 239 -5.02 -10.19 -13.93
CA LEU A 239 -5.17 -10.44 -12.50
C LEU A 239 -6.38 -11.36 -12.33
N PRO A 240 -6.31 -12.32 -11.38
CA PRO A 240 -7.45 -13.24 -11.21
C PRO A 240 -8.76 -12.50 -10.99
N ALA A 241 -9.77 -12.80 -11.78
CA ALA A 241 -11.03 -12.06 -11.79
C ALA A 241 -11.92 -12.29 -10.57
N ARG A 242 -11.82 -13.44 -9.93
CA ARG A 242 -12.69 -13.73 -8.81
C ARG A 242 -12.25 -12.98 -7.53
N VAL A 243 -11.02 -12.47 -7.51
CA VAL A 243 -10.52 -11.63 -6.42
C VAL A 243 -10.94 -10.15 -6.64
N ARG A 244 -11.35 -9.44 -5.59
CA ARG A 244 -11.67 -8.02 -5.74
C ARG A 244 -10.46 -7.16 -5.35
N TYR A 245 -10.21 -6.10 -6.13
CA TYR A 245 -9.05 -5.24 -5.87
C TYR A 245 -9.50 -3.84 -5.47
N TYR A 246 -8.78 -3.26 -4.53
CA TYR A 246 -9.08 -1.94 -4.02
C TYR A 246 -7.79 -1.17 -3.84
N SER A 247 -7.81 0.13 -4.08
CA SER A 247 -6.57 0.90 -3.97
C SER A 247 -6.79 2.24 -3.27
N LEU A 248 -5.82 2.58 -2.43
CA LEU A 248 -5.65 3.89 -1.82
C LEU A 248 -4.31 4.44 -2.29
N ALA A 249 -4.31 5.66 -2.81
CA ALA A 249 -3.07 6.29 -3.25
C ALA A 249 -2.77 7.55 -2.42
N ALA A 250 -1.71 7.49 -1.60
CA ALA A 250 -1.42 8.60 -0.70
C ALA A 250 -0.61 9.72 -1.36
N PHE A 251 -0.83 10.95 -0.87
CA PHE A 251 0.10 12.03 -1.05
C PHE A 251 -0.18 13.10 -0.02
N ALA A 252 0.84 13.88 0.31
CA ALA A 252 0.71 15.01 1.18
C ALA A 252 1.42 16.18 0.53
N SER A 253 1.19 17.39 1.03
CA SER A 253 1.93 18.55 0.55
C SER A 253 3.38 18.35 0.91
N ARG A 254 4.26 19.13 0.29
CA ARG A 254 5.68 19.01 0.60
C ARG A 254 5.97 19.22 2.09
N GLU A 255 5.33 20.21 2.70
CA GLU A 255 5.61 20.51 4.10
C GLU A 255 5.04 19.46 5.06
N GLU A 256 4.05 18.68 4.63
CA GLU A 256 3.54 17.59 5.48
C GLU A 256 4.13 16.24 5.07
N THR A 257 5.21 16.28 4.31
CA THR A 257 5.93 15.10 3.86
C THR A 257 7.20 14.99 4.74
N SER A 258 7.47 13.80 5.28
CA SER A 258 8.63 13.56 6.14
C SER A 258 9.96 14.03 5.53
N ALA A 259 10.83 14.60 6.38
CA ALA A 259 12.10 15.15 5.92
C ALA A 259 12.85 14.14 5.06
N ILE A 260 12.90 12.89 5.51
CA ILE A 260 13.70 11.87 4.85
C ILE A 260 13.17 11.62 3.43
N LEU A 261 11.88 11.88 3.21
CA LEU A 261 11.24 11.60 1.93
C LEU A 261 11.26 12.81 0.99
N ARG A 262 11.51 14.00 1.54
CA ARG A 262 11.43 15.20 0.71
C ARG A 262 12.36 15.23 -0.50
N PRO A 263 13.62 14.79 -0.36
CA PRO A 263 14.43 14.79 -1.58
C PRO A 263 13.85 13.92 -2.71
N PHE A 264 13.17 12.84 -2.36
CA PHE A 264 12.60 11.95 -3.36
C PHE A 264 11.29 12.53 -3.84
N TYR A 265 10.50 13.09 -2.91
CA TYR A 265 9.32 13.86 -3.28
C TYR A 265 9.65 14.91 -4.35
N ASP A 266 10.78 15.58 -4.18
CA ASP A 266 11.16 16.67 -5.05
C ASP A 266 11.47 16.18 -6.47
N ILE A 267 12.03 14.99 -6.58
CA ILE A 267 12.26 14.41 -7.89
C ILE A 267 10.94 14.12 -8.59
N LEU A 268 10.04 13.43 -7.89
CA LEU A 268 8.76 13.02 -8.47
C LEU A 268 7.87 14.24 -8.79
N ALA A 269 7.93 15.25 -7.94
CA ALA A 269 7.12 16.45 -8.10
C ALA A 269 7.49 17.25 -9.35
N LYS A 270 8.66 16.99 -9.95
CA LYS A 270 9.01 17.67 -11.20
C LYS A 270 7.98 17.42 -12.30
N THR A 271 7.32 16.26 -12.28
CA THR A 271 6.23 16.00 -13.24
C THR A 271 4.88 15.66 -12.57
N ASP A 272 4.90 15.22 -11.31
CA ASP A 272 3.63 14.92 -10.62
C ASP A 272 3.68 15.19 -9.10
N ALA A 273 3.09 16.31 -8.71
CA ALA A 273 2.99 16.71 -7.32
C ALA A 273 2.12 15.77 -6.49
N LEU A 274 1.32 14.94 -7.14
CA LEU A 274 0.48 14.01 -6.40
C LEU A 274 1.26 12.73 -6.22
N ASN A 275 2.20 12.76 -5.27
CA ASN A 275 3.05 11.63 -4.99
C ASN A 275 3.33 11.59 -3.48
N ASP A 276 3.60 10.41 -2.94
CA ASP A 276 3.75 10.28 -1.49
C ASP A 276 5.20 10.30 -1.05
N GLY A 277 6.10 10.67 -1.96
CA GLY A 277 7.52 10.68 -1.68
C GLY A 277 8.22 9.62 -2.49
N LEU A 278 7.57 8.47 -2.70
CA LEU A 278 8.24 7.34 -3.36
C LEU A 278 7.40 6.78 -4.51
N VAL A 279 6.08 6.90 -4.39
CA VAL A 279 5.15 6.42 -5.41
C VAL A 279 4.25 7.55 -5.91
N ILE A 280 4.17 7.74 -7.22
CA ILE A 280 3.18 8.63 -7.87
C ILE A 280 1.75 8.03 -7.80
N ALA A 281 0.75 8.87 -7.52
CA ALA A 281 -0.60 8.37 -7.26
C ALA A 281 -1.18 7.59 -8.45
N ALA A 282 -0.95 8.08 -9.66
CA ALA A 282 -1.38 7.38 -10.88
C ALA A 282 -0.67 6.02 -11.11
N ASP A 283 0.40 5.75 -10.36
CA ASP A 283 1.14 4.52 -10.43
C ASP A 283 0.76 3.57 -9.29
N ALA A 284 -0.28 3.93 -8.53
CA ALA A 284 -0.58 3.25 -7.29
C ALA A 284 -2.00 2.73 -7.25
N ILE A 285 -2.57 2.54 -8.44
CA ILE A 285 -3.94 2.08 -8.52
C ILE A 285 -4.02 0.82 -9.36
N ILE A 286 -4.56 -0.24 -8.76
CA ILE A 286 -4.75 -1.51 -9.46
C ILE A 286 -5.84 -1.39 -10.52
N PRO A 287 -5.47 -1.59 -11.80
CA PRO A 287 -6.49 -1.43 -12.86
C PRO A 287 -7.59 -2.49 -12.73
N GLY A 288 -8.82 -2.12 -13.08
CA GLY A 288 -9.97 -3.01 -12.96
C GLY A 288 -10.51 -3.12 -11.54
N GLY A 289 -9.86 -2.43 -10.60
CA GLY A 289 -10.31 -2.44 -9.21
C GLY A 289 -11.23 -1.31 -8.80
N THR A 290 -11.30 -1.09 -7.50
CA THR A 290 -12.05 0.01 -6.92
C THR A 290 -11.09 1.05 -6.35
N LEU A 291 -11.28 2.32 -6.70
CA LEU A 291 -10.51 3.40 -6.09
C LEU A 291 -11.21 3.88 -4.82
N LEU A 292 -10.54 3.73 -3.69
CA LEU A 292 -11.09 4.12 -2.42
C LEU A 292 -10.76 5.58 -2.09
N GLY A 293 -9.65 6.09 -2.63
CA GLY A 293 -9.31 7.48 -2.39
C GLY A 293 -7.85 7.78 -2.17
N TYR A 294 -7.62 8.94 -1.60
CA TYR A 294 -6.26 9.50 -1.51
C TYR A 294 -5.97 10.00 -0.09
N PRO A 295 -5.43 9.13 0.77
CA PRO A 295 -5.02 9.54 2.12
C PRO A 295 -4.07 10.70 2.07
N ASN A 296 -4.33 11.70 2.89
CA ASN A 296 -3.48 12.89 3.02
C ASN A 296 -2.31 12.57 3.96
N ALA A 297 -1.27 11.97 3.39
CA ALA A 297 -0.23 11.35 4.18
C ALA A 297 0.92 11.01 3.23
N ASP A 298 2.15 10.96 3.74
CA ASP A 298 3.24 10.57 2.86
C ASP A 298 3.35 9.03 2.90
N HIS A 299 4.30 8.49 2.14
CA HIS A 299 4.42 7.06 1.95
C HIS A 299 4.46 6.25 3.24
N LEU A 300 5.16 6.76 4.25
CA LEU A 300 5.32 6.02 5.50
C LEU A 300 4.18 6.27 6.48
N ALA A 301 3.70 7.49 6.52
CA ALA A 301 2.65 7.84 7.48
C ALA A 301 1.36 7.04 7.25
N VAL A 302 1.06 6.72 6.00
CA VAL A 302 -0.22 6.07 5.73
C VAL A 302 -0.28 4.64 6.29
N ALA A 303 0.86 4.05 6.67
CA ALA A 303 0.83 2.63 7.01
C ALA A 303 1.86 2.11 8.00
N MSE A 304 2.99 2.82 8.15
CA MSE A 304 4.10 2.35 8.98
C MSE A 304 4.35 3.31 10.13
O MSE A 304 4.92 4.38 9.92
CB MSE A 304 5.40 2.22 8.14
CG MSE A 304 5.39 1.09 7.13
SE MSE A 304 5.87 -0.60 7.95
CE MSE A 304 7.79 -0.35 8.19
N PRO A 305 3.95 2.91 11.35
CA PRO A 305 4.18 3.75 12.53
C PRO A 305 5.64 3.70 12.99
N PHE A 306 6.21 4.88 13.24
CA PHE A 306 7.52 5.00 13.87
C PHE A 306 7.33 5.84 15.13
N SER A 307 7.65 5.29 16.31
CA SER A 307 7.46 6.08 17.52
C SER A 307 8.59 5.99 18.55
N LYS A 308 9.56 5.11 18.30
CA LYS A 308 10.68 4.90 19.21
C LYS A 308 11.51 6.18 19.39
N LYS A 309 11.55 6.69 20.60
CA LYS A 309 12.28 7.91 20.88
C LYS A 309 13.23 7.67 22.04
N PRO A 310 14.48 8.15 21.90
CA PRO A 310 14.94 8.86 20.71
C PRO A 310 15.50 7.92 19.65
N SER A 311 15.53 8.41 18.42
CA SER A 311 16.05 7.65 17.28
C SER A 311 16.32 8.63 16.15
N LEU A 312 17.47 8.51 15.51
CA LEU A 312 17.76 9.36 14.37
C LEU A 312 16.76 9.04 13.26
N LEU A 313 16.46 7.76 13.13
CA LEU A 313 15.51 7.28 12.14
C LEU A 313 14.14 7.86 12.39
N THR A 314 13.68 7.76 13.63
CA THR A 314 12.35 8.26 13.99
C THR A 314 12.28 9.77 13.78
N SER A 315 13.38 10.46 14.08
CA SER A 315 13.40 11.90 13.96
C SER A 315 13.32 12.39 12.52
N VAL A 316 13.93 11.68 11.58
CA VAL A 316 13.93 12.14 10.19
C VAL A 316 12.63 11.75 9.48
N ILE A 317 11.93 10.75 10.02
CA ILE A 317 10.59 10.44 9.56
C ILE A 317 9.64 11.37 10.31
N SER A 318 9.76 12.66 9.97
CA SER A 318 9.25 13.76 10.78
C SER A 318 7.75 14.06 10.63
N LYS A 319 7.08 13.42 9.69
CA LYS A 319 5.64 13.68 9.50
C LYS A 319 4.85 12.37 9.47
N ASN A 320 5.03 11.56 10.50
CA ASN A 320 4.53 10.18 10.53
C ASN A 320 3.11 10.05 11.09
N SER A 321 2.57 11.15 11.59
N SER A 321 2.58 11.16 11.59
CA SER A 321 1.26 11.13 12.22
CA SER A 321 1.25 11.15 12.18
C SER A 321 0.13 11.08 11.18
C SER A 321 0.16 11.04 11.12
N TYR A 322 -0.70 10.03 11.26
CA TYR A 322 -1.86 9.85 10.39
C TYR A 322 -2.80 8.89 11.12
N PRO A 323 -4.13 9.03 10.92
CA PRO A 323 -5.03 8.08 11.62
C PRO A 323 -5.09 6.70 10.97
N ARG A 324 -3.98 5.96 11.04
CA ARG A 324 -3.92 4.58 10.51
C ARG A 324 -5.01 3.63 11.07
N PRO A 325 -5.33 3.68 12.40
CA PRO A 325 -6.38 2.78 12.86
C PRO A 325 -7.71 3.02 12.18
N ALA A 326 -8.09 4.29 12.03
CA ALA A 326 -9.35 4.62 11.38
C ALA A 326 -9.31 4.17 9.92
N LEU A 327 -8.16 4.38 9.27
CA LEU A 327 -7.98 3.98 7.88
C LEU A 327 -8.15 2.48 7.70
N LEU A 328 -7.49 1.69 8.56
CA LEU A 328 -7.55 0.23 8.44
C LEU A 328 -8.96 -0.28 8.76
N GLU A 329 -9.60 0.27 9.79
CA GLU A 329 -10.98 -0.08 10.08
C GLU A 329 -11.92 0.28 8.93
N ALA A 330 -11.75 1.46 8.33
CA ALA A 330 -12.57 1.84 7.19
C ALA A 330 -12.36 0.87 6.02
N ILE A 331 -11.11 0.50 5.78
CA ILE A 331 -10.81 -0.48 4.74
C ILE A 331 -11.58 -1.79 4.99
N ALA A 332 -11.44 -2.35 6.20
CA ALA A 332 -12.13 -3.60 6.57
C ALA A 332 -13.63 -3.50 6.39
N ARG A 333 -14.23 -2.39 6.83
CA ARG A 333 -15.68 -2.23 6.76
C ARG A 333 -16.16 -2.02 5.32
N TYR A 334 -15.38 -1.29 4.52
CA TYR A 334 -15.74 -1.08 3.10
C TYR A 334 -15.73 -2.42 2.37
N VAL A 335 -14.66 -3.19 2.56
CA VAL A 335 -14.54 -4.45 1.82
C VAL A 335 -15.59 -5.46 2.28
N GLU A 336 -15.81 -5.57 3.58
CA GLU A 336 -16.89 -6.44 4.06
C GLU A 336 -18.24 -6.05 3.47
N GLU A 337 -18.51 -4.75 3.42
CA GLU A 337 -19.74 -4.26 2.83
C GLU A 337 -19.77 -4.57 1.33
N ASP A 338 -18.64 -4.37 0.65
CA ASP A 338 -18.59 -4.60 -0.80
C ASP A 338 -18.72 -6.08 -1.14
N LEU A 339 -18.10 -6.93 -0.32
CA LEU A 339 -18.21 -8.35 -0.50
C LEU A 339 -19.64 -8.79 -0.15
#